data_9K6Y
#
_entry.id   9K6Y
#
_cell.length_a   1.00
_cell.length_b   1.00
_cell.length_c   1.00
_cell.angle_alpha   90.00
_cell.angle_beta   90.00
_cell.angle_gamma   90.00
#
_symmetry.space_group_name_H-M   'P 1'
#
loop_
_entity.id
_entity.type
_entity.pdbx_description
1 polymer 'Light chain of H4'
2 polymer 'Heavy chain of H4'
3 polymer 'Spike protein S1'
4 branched 2-acetamido-2-deoxy-beta-D-glucopyranose-(1-4)-2-acetamido-2-deoxy-beta-D-glucopyranose
#
loop_
_entity_poly.entity_id
_entity_poly.type
_entity_poly.pdbx_seq_one_letter_code
_entity_poly.pdbx_strand_id
1 'polypeptide(L)'
;DIQMTQSPLSLPVTPGEPASISCRSSQSLLDSDDGNTYLDWYLQKPGQSPQLLIYTLSYRASGVPDRFSGSGSGTDFTLK
ISRVEAEDVGVYYCMQRIEFPLTFGGGTKVEIK
;
L
2 'polypeptide(L)'
;QVQLVQSGAEVKKPGASVKVSCKASGYTFTGYYMHWVRQAPGQGLEWMGRINPNSGGTNYAQKFQGRVTMTRDTSISTAY
MELSRLRSDDTAVYYCARVPYCSSTSCHRDWYFDLWGRGTLVTVSS
;
H
3 'polypeptide(L)'
;RVQPTESIVRFPNITNLCPFGEVFNATRFASVYAWNRKRISNCVADYSVLYNSASFSTFKCYGVSPTKLNDLCFTNVYAD
SFVIRGDEVRQIAPGQTGKIADYNYKLPDDFTGCVIAWNSNNLDSKVGGNYNYLYRLFRKSNLKPFERDISTEIYQAGST
PCNGVEGFNCYFPLQSYGFQPTNGVGYQPYRVVVLSFELLHAPATVCGPKKSTNLVKNKCVNF
;
R
#
# COMPACT_ATOMS: atom_id res chain seq x y z
N ASP A 1 8.45 11.66 -21.61
CA ASP A 1 9.79 11.18 -21.27
C ASP A 1 10.72 12.34 -20.92
N ILE A 2 10.96 12.51 -19.62
CA ILE A 2 11.78 13.60 -19.12
C ILE A 2 13.21 13.10 -18.95
N GLN A 3 14.16 13.83 -19.53
CA GLN A 3 15.57 13.48 -19.45
C GLN A 3 16.28 14.42 -18.48
N MET A 4 17.01 13.83 -17.54
CA MET A 4 17.77 14.59 -16.54
C MET A 4 19.23 14.62 -16.94
N THR A 5 19.81 15.81 -17.02
CA THR A 5 21.21 16.00 -17.33
C THR A 5 21.93 16.46 -16.07
N GLN A 6 22.88 15.67 -15.61
CA GLN A 6 23.54 16.06 -14.36
C GLN A 6 24.85 16.73 -14.72
N SER A 7 25.12 17.92 -14.18
CA SER A 7 26.37 18.65 -14.46
C SER A 7 27.56 17.85 -13.91
N PRO A 8 28.25 18.15 -12.78
CA PRO A 8 29.61 17.67 -12.70
C PRO A 8 29.52 16.17 -13.01
N LEU A 9 30.27 15.65 -13.98
CA LEU A 9 30.29 14.20 -14.28
C LEU A 9 31.53 13.59 -13.66
N SER A 10 32.25 14.37 -12.88
CA SER A 10 33.48 13.92 -12.19
C SER A 10 33.74 15.01 -11.17
N LEU A 11 33.41 14.75 -9.93
CA LEU A 11 33.52 15.78 -8.90
C LEU A 11 34.59 15.39 -7.90
N PRO A 12 35.85 15.75 -8.16
CA PRO A 12 36.91 15.50 -7.17
C PRO A 12 36.79 16.48 -6.01
N VAL A 13 36.72 15.95 -4.79
CA VAL A 13 36.50 16.78 -3.62
C VAL A 13 37.57 16.50 -2.59
N THR A 14 37.79 17.48 -1.72
CA THR A 14 38.66 17.35 -0.57
C THR A 14 37.81 17.51 0.69
N PRO A 15 37.98 16.65 1.70
CA PRO A 15 37.12 16.73 2.88
C PRO A 15 37.19 18.08 3.56
N GLY A 16 36.04 18.52 4.07
CA GLY A 16 35.91 19.79 4.75
C GLY A 16 35.35 20.90 3.89
N GLU A 17 35.38 20.75 2.56
CA GLU A 17 34.84 21.79 1.71
C GLU A 17 33.48 21.36 1.14
N PRO A 18 32.54 22.29 0.99
CA PRO A 18 31.25 21.93 0.42
C PRO A 18 31.37 21.53 -1.04
N ALA A 19 30.49 20.63 -1.46
CA ALA A 19 30.43 20.17 -2.84
C ALA A 19 29.01 20.35 -3.36
N SER A 20 28.90 20.80 -4.61
CA SER A 20 27.61 21.09 -5.23
C SER A 20 27.47 20.29 -6.51
N ILE A 21 26.37 19.55 -6.63
CA ILE A 21 26.07 18.74 -7.80
C ILE A 21 24.80 19.29 -8.43
N SER A 22 24.86 19.57 -9.74
CA SER A 22 23.75 20.18 -10.46
C SER A 22 23.01 19.13 -11.27
N CYS A 23 21.69 19.23 -11.28
CA CYS A 23 20.83 18.38 -12.09
C CYS A 23 19.80 19.27 -12.78
N ARG A 24 19.52 18.99 -14.05
CA ARG A 24 18.62 19.79 -14.84
C ARG A 24 17.61 18.89 -15.55
N SER A 25 16.38 19.38 -15.67
CA SER A 25 15.29 18.64 -16.27
C SER A 25 14.79 19.34 -17.52
N SER A 26 14.29 18.54 -18.47
CA SER A 26 13.70 19.12 -19.68
C SER A 26 12.39 19.81 -19.37
N GLN A 27 11.59 19.25 -18.47
CA GLN A 27 10.31 19.83 -18.08
C GLN A 27 10.30 20.07 -16.58
N SER A 28 9.63 21.15 -16.17
CA SER A 28 9.61 21.52 -14.76
C SER A 28 8.95 20.43 -13.93
N LEU A 29 9.60 20.07 -12.82
CA LEU A 29 9.14 19.00 -11.96
C LEU A 29 8.21 19.48 -10.86
N LEU A 30 7.91 20.78 -10.82
CA LEU A 30 6.94 21.31 -9.87
C LEU A 30 5.52 21.00 -10.34
N ASP A 31 4.69 20.51 -9.43
CA ASP A 31 3.29 20.26 -9.71
C ASP A 31 2.44 21.35 -9.07
N SER A 32 1.61 22.01 -9.88
CA SER A 32 0.82 23.13 -9.38
C SER A 32 -0.29 22.68 -8.43
N ASP A 33 -0.68 21.40 -8.49
CA ASP A 33 -1.77 20.94 -7.63
C ASP A 33 -1.35 20.87 -6.18
N ASP A 34 -0.13 20.42 -5.89
CA ASP A 34 0.32 20.26 -4.52
C ASP A 34 1.54 21.10 -4.18
N GLY A 35 2.11 21.83 -5.14
CA GLY A 35 3.26 22.66 -4.86
C GLY A 35 4.50 21.92 -4.43
N ASN A 36 4.67 20.68 -4.90
CA ASN A 36 5.82 19.87 -4.55
C ASN A 36 6.64 19.58 -5.81
N THR A 37 7.96 19.64 -5.67
CA THR A 37 8.87 19.26 -6.75
C THR A 37 9.39 17.86 -6.50
N TYR A 38 9.20 16.98 -7.48
CA TYR A 38 9.48 15.55 -7.33
C TYR A 38 10.86 15.25 -7.91
N LEU A 39 11.88 15.39 -7.09
CA LEU A 39 13.24 14.98 -7.44
C LEU A 39 13.86 14.28 -6.24
N ASP A 40 14.42 13.11 -6.47
CA ASP A 40 15.04 12.31 -5.42
C ASP A 40 16.50 12.06 -5.74
N TRP A 41 17.34 12.25 -4.74
CA TRP A 41 18.79 12.07 -4.84
C TRP A 41 19.16 10.77 -4.15
N TYR A 42 19.79 9.86 -4.93
CA TYR A 42 20.24 8.56 -4.47
C TYR A 42 21.76 8.48 -4.57
N LEU A 43 22.36 7.69 -3.68
CA LEU A 43 23.79 7.48 -3.65
C LEU A 43 24.07 5.99 -3.76
N GLN A 44 25.00 5.64 -4.66
CA GLN A 44 25.42 4.26 -4.86
C GLN A 44 26.90 4.17 -4.52
N LYS A 45 27.23 3.35 -3.53
CA LYS A 45 28.60 3.08 -3.16
C LYS A 45 29.16 1.93 -4.00
N PRO A 46 30.48 1.81 -4.10
CA PRO A 46 31.06 0.73 -4.90
C PRO A 46 30.62 -0.65 -4.43
N GLY A 47 29.90 -1.37 -5.28
CA GLY A 47 29.45 -2.71 -4.98
C GLY A 47 28.19 -2.81 -4.13
N GLN A 48 27.61 -1.69 -3.74
CA GLN A 48 26.42 -1.67 -2.90
C GLN A 48 25.24 -1.10 -3.67
N SER A 49 24.05 -1.50 -3.25
CA SER A 49 22.83 -1.03 -3.88
C SER A 49 22.63 0.46 -3.57
N PRO A 50 21.95 1.18 -4.46
CA PRO A 50 21.73 2.61 -4.21
C PRO A 50 20.94 2.84 -2.92
N GLN A 51 21.25 3.94 -2.25
CA GLN A 51 20.58 4.35 -1.02
C GLN A 51 19.89 5.70 -1.24
N LEU A 52 18.78 5.90 -0.54
CA LEU A 52 18.06 7.16 -0.63
C LEU A 52 18.70 8.19 0.27
N LEU A 53 18.96 9.37 -0.28
CA LEU A 53 19.47 10.50 0.48
C LEU A 53 18.45 11.63 0.59
N ILE A 54 17.90 12.08 -0.54
CA ILE A 54 16.99 13.22 -0.53
C ILE A 54 15.72 12.86 -1.29
N TYR A 55 14.57 13.24 -0.73
CA TYR A 55 13.30 13.05 -1.41
C TYR A 55 12.47 14.31 -1.31
N THR A 56 11.66 14.56 -2.34
CA THR A 56 10.80 15.73 -2.48
C THR A 56 11.62 17.02 -2.52
N LEU A 57 12.89 16.92 -2.88
CA LEU A 57 13.78 18.05 -3.18
C LEU A 57 14.20 18.82 -1.93
N SER A 58 13.62 18.51 -0.78
CA SER A 58 14.00 19.22 0.44
C SER A 58 14.16 18.36 1.67
N TYR A 59 13.72 17.10 1.66
CA TYR A 59 13.68 16.27 2.86
C TYR A 59 14.77 15.21 2.83
N ARG A 60 15.37 14.99 3.98
CA ARG A 60 16.35 13.92 4.16
C ARG A 60 15.66 12.61 4.50
N ALA A 61 16.25 11.51 4.03
CA ALA A 61 15.72 10.20 4.32
C ALA A 61 16.18 9.74 5.70
N SER A 62 15.54 8.68 6.20
CA SER A 62 15.89 8.14 7.50
C SER A 62 17.31 7.60 7.50
N GLY A 63 18.05 7.93 8.55
CA GLY A 63 19.43 7.50 8.67
C GLY A 63 20.44 8.31 7.88
N VAL A 64 20.00 9.35 7.19
CA VAL A 64 20.90 10.22 6.43
C VAL A 64 21.56 11.20 7.38
N PRO A 65 22.90 11.25 7.44
CA PRO A 65 23.56 12.22 8.31
C PRO A 65 23.26 13.66 7.89
N ASP A 66 23.40 14.57 8.85
CA ASP A 66 22.99 15.94 8.67
C ASP A 66 23.83 16.71 7.65
N ARG A 67 24.99 16.16 7.25
CA ARG A 67 25.91 16.89 6.38
C ARG A 67 25.36 17.09 4.97
N PHE A 68 24.28 16.43 4.60
CA PHE A 68 23.70 16.55 3.27
C PHE A 68 22.56 17.55 3.26
N SER A 69 22.32 18.13 2.09
CA SER A 69 21.15 18.98 1.89
C SER A 69 20.85 19.05 0.41
N GLY A 70 19.62 19.42 0.08
CA GLY A 70 19.21 19.56 -1.30
C GLY A 70 18.30 20.75 -1.49
N SER A 71 18.43 21.41 -2.62
CA SER A 71 17.63 22.60 -2.91
C SER A 71 17.54 22.78 -4.41
N GLY A 72 16.92 23.88 -4.82
CA GLY A 72 16.75 24.19 -6.22
C GLY A 72 15.30 24.58 -6.52
N SER A 73 15.11 24.98 -7.77
CA SER A 73 13.80 25.44 -8.21
C SER A 73 13.66 25.23 -9.71
N GLY A 74 12.40 25.22 -10.15
CA GLY A 74 12.10 25.07 -11.56
C GLY A 74 12.67 23.80 -12.13
N THR A 75 13.71 23.93 -12.95
CA THR A 75 14.40 22.78 -13.52
C THR A 75 15.81 22.60 -13.00
N ASP A 76 16.36 23.59 -12.28
CA ASP A 76 17.73 23.55 -11.81
C ASP A 76 17.73 23.13 -10.35
N PHE A 77 18.44 22.03 -10.05
CA PHE A 77 18.46 21.46 -8.71
C PHE A 77 19.90 21.24 -8.30
N THR A 78 20.17 21.39 -7.00
CA THR A 78 21.53 21.23 -6.50
C THR A 78 21.51 20.42 -5.22
N LEU A 79 22.37 19.40 -5.17
CA LEU A 79 22.66 18.68 -3.94
C LEU A 79 23.95 19.23 -3.36
N LYS A 80 23.89 19.65 -2.10
CA LYS A 80 25.01 20.32 -1.44
C LYS A 80 25.47 19.48 -0.24
N ILE A 81 26.76 19.20 -0.20
CA ILE A 81 27.39 18.55 0.94
C ILE A 81 28.26 19.60 1.60
N SER A 82 27.79 20.16 2.72
CA SER A 82 28.56 21.20 3.40
C SER A 82 29.89 20.67 3.90
N ARG A 83 29.90 19.49 4.52
CA ARG A 83 31.11 18.87 5.03
C ARG A 83 31.23 17.50 4.36
N VAL A 84 32.12 17.40 3.37
CA VAL A 84 32.35 16.12 2.71
C VAL A 84 33.19 15.24 3.60
N GLU A 85 32.70 14.03 3.86
CA GLU A 85 33.41 13.04 4.67
C GLU A 85 34.01 11.97 3.77
N ALA A 86 34.80 11.09 4.39
CA ALA A 86 35.48 10.05 3.63
C ALA A 86 34.51 9.04 3.02
N GLU A 87 33.29 8.93 3.55
CA GLU A 87 32.34 7.94 3.07
C GLU A 87 31.33 8.50 2.07
N ASP A 88 31.52 9.73 1.61
CA ASP A 88 30.65 10.32 0.60
C ASP A 88 31.05 9.96 -0.82
N VAL A 89 32.14 9.19 -0.99
CA VAL A 89 32.57 8.77 -2.31
C VAL A 89 31.55 7.79 -2.89
N GLY A 90 31.16 8.02 -4.14
CA GLY A 90 30.16 7.18 -4.77
C GLY A 90 29.65 7.81 -6.03
N VAL A 91 28.45 7.36 -6.44
CA VAL A 91 27.77 7.90 -7.61
C VAL A 91 26.42 8.43 -7.17
N TYR A 92 26.10 9.66 -7.56
CA TYR A 92 24.87 10.33 -7.16
C TYR A 92 23.94 10.44 -8.37
N TYR A 93 22.68 10.06 -8.16
CA TYR A 93 21.67 10.03 -9.21
C TYR A 93 20.49 10.89 -8.82
N CYS A 94 19.99 11.69 -9.76
CA CYS A 94 18.77 12.46 -9.57
C CYS A 94 17.65 11.83 -10.39
N MET A 95 16.54 11.51 -9.73
CA MET A 95 15.42 10.82 -10.34
C MET A 95 14.16 11.68 -10.25
N GLN A 96 13.44 11.76 -11.35
CA GLN A 96 12.16 12.45 -11.40
C GLN A 96 11.01 11.43 -11.32
N ARG A 97 9.92 11.87 -10.70
CA ARG A 97 8.72 11.03 -10.54
C ARG A 97 7.48 11.89 -10.81
N ILE A 98 7.34 12.49 -11.98
CA ILE A 98 6.12 13.25 -12.35
C ILE A 98 5.39 12.50 -13.47
N GLU A 99 6.10 12.07 -14.50
CA GLU A 99 5.50 11.23 -15.57
C GLU A 99 5.99 9.83 -15.28
N PHE A 100 5.40 8.81 -15.89
CA PHE A 100 5.75 7.44 -15.43
C PHE A 100 7.02 6.82 -16.02
N PRO A 101 7.63 7.24 -17.14
CA PRO A 101 8.87 6.62 -17.56
C PRO A 101 9.92 7.10 -16.57
N LEU A 102 9.74 6.82 -15.27
CA LEU A 102 10.71 7.22 -14.23
C LEU A 102 12.11 7.20 -14.84
N THR A 103 12.79 8.33 -14.85
CA THR A 103 14.12 8.44 -15.50
C THR A 103 15.18 8.89 -14.51
N PHE A 104 16.29 8.19 -14.45
CA PHE A 104 17.38 8.53 -13.53
C PHE A 104 18.48 9.21 -14.34
N GLY A 105 19.11 10.24 -13.81
CA GLY A 105 20.15 10.99 -14.47
C GLY A 105 21.36 10.13 -14.78
N GLY A 106 22.28 10.69 -15.56
CA GLY A 106 23.49 9.98 -15.91
C GLY A 106 24.35 9.64 -14.71
N GLY A 107 24.23 10.38 -13.64
CA GLY A 107 25.01 10.12 -12.44
C GLY A 107 26.29 10.93 -12.40
N THR A 108 26.66 11.33 -11.18
CA THR A 108 27.88 12.10 -10.95
C THR A 108 28.76 11.33 -9.98
N LYS A 109 30.01 11.13 -10.36
CA LYS A 109 30.94 10.35 -9.56
C LYS A 109 31.75 11.30 -8.67
N VAL A 110 31.67 11.08 -7.36
CA VAL A 110 32.44 11.85 -6.39
C VAL A 110 33.47 10.91 -5.79
N GLU A 111 34.74 11.19 -6.05
CA GLU A 111 35.85 10.43 -5.49
C GLU A 111 36.93 11.41 -5.04
N ILE A 112 37.72 10.98 -4.06
CA ILE A 112 38.74 11.84 -3.48
C ILE A 112 39.88 12.06 -4.48
N GLN B 1 16.97 -7.11 10.10
CA GLN B 1 16.31 -8.32 9.56
C GLN B 1 15.15 -7.86 8.65
N VAL B 2 14.96 -6.55 8.44
CA VAL B 2 13.96 -6.03 7.44
C VAL B 2 14.68 -6.07 6.11
N GLN B 3 14.37 -7.02 5.25
CA GLN B 3 15.21 -7.14 4.03
C GLN B 3 14.44 -7.61 2.81
N LEU B 4 15.09 -7.58 1.65
CA LEU B 4 14.49 -8.11 0.40
C LEU B 4 15.49 -9.12 -0.19
N VAL B 5 15.16 -10.41 -0.25
CA VAL B 5 16.03 -11.49 -0.71
C VAL B 5 15.78 -11.72 -2.19
N GLN B 6 16.85 -11.72 -2.98
CA GLN B 6 16.75 -11.88 -4.42
C GLN B 6 17.37 -13.20 -4.84
N SER B 7 17.01 -13.64 -6.06
CA SER B 7 17.54 -14.87 -6.60
C SER B 7 19.01 -14.72 -6.95
N GLY B 8 19.70 -15.86 -7.08
CA GLY B 8 21.12 -15.85 -7.39
C GLY B 8 21.41 -15.50 -8.84
N ALA B 9 22.70 -15.38 -9.12
CA ALA B 9 23.14 -15.01 -10.46
C ALA B 9 22.71 -16.07 -11.48
N GLU B 10 22.27 -15.61 -12.64
CA GLU B 10 21.76 -16.49 -13.69
C GLU B 10 22.52 -16.23 -14.98
N VAL B 11 22.90 -17.30 -15.66
CA VAL B 11 23.57 -17.24 -16.96
C VAL B 11 22.59 -17.74 -18.01
N LYS B 12 22.25 -16.89 -18.96
CA LYS B 12 21.26 -17.20 -19.97
C LYS B 12 21.81 -16.89 -21.36
N LYS B 13 21.60 -17.82 -22.28
CA LYS B 13 22.00 -17.64 -23.66
C LYS B 13 21.10 -16.62 -24.34
N PRO B 14 21.57 -15.98 -25.41
CA PRO B 14 20.72 -15.03 -26.14
C PRO B 14 19.48 -15.70 -26.68
N GLY B 15 18.37 -14.97 -26.66
CA GLY B 15 17.10 -15.48 -27.11
C GLY B 15 16.29 -16.22 -26.07
N ALA B 16 16.85 -16.45 -24.88
CA ALA B 16 16.15 -17.14 -23.82
C ALA B 16 15.45 -16.10 -22.93
N SER B 17 14.96 -16.53 -21.77
CA SER B 17 14.26 -15.64 -20.85
C SER B 17 14.81 -15.86 -19.44
N VAL B 18 14.69 -14.83 -18.60
CA VAL B 18 15.22 -14.86 -17.25
C VAL B 18 14.14 -14.45 -16.27
N LYS B 19 14.06 -15.17 -15.14
CA LYS B 19 13.09 -14.88 -14.08
C LYS B 19 13.84 -14.48 -12.83
N VAL B 20 13.48 -13.33 -12.26
CA VAL B 20 14.12 -12.79 -11.07
C VAL B 20 13.06 -12.66 -9.98
N SER B 21 13.36 -13.18 -8.79
CA SER B 21 12.42 -13.19 -7.69
C SER B 21 12.91 -12.29 -6.56
N CYS B 22 11.99 -11.50 -6.00
CA CYS B 22 12.26 -10.64 -4.86
C CYS B 22 11.28 -10.99 -3.76
N LYS B 23 11.79 -11.43 -2.62
CA LYS B 23 10.98 -11.89 -1.50
C LYS B 23 11.15 -10.92 -0.33
N ALA B 24 10.03 -10.50 0.25
CA ALA B 24 10.04 -9.56 1.35
C ALA B 24 10.16 -10.29 2.68
N SER B 25 10.90 -9.68 3.61
CA SER B 25 11.01 -10.22 4.96
C SER B 25 11.06 -9.09 5.96
N GLY B 26 10.25 -9.19 7.00
CA GLY B 26 10.25 -8.20 8.06
C GLY B 26 9.30 -7.04 7.89
N TYR B 27 8.44 -7.06 6.88
CA TYR B 27 7.49 -5.99 6.69
C TYR B 27 6.31 -6.49 5.86
N THR B 28 5.23 -5.71 5.86
CA THR B 28 4.02 -6.07 5.15
C THR B 28 4.23 -5.93 3.65
N PHE B 29 4.02 -7.03 2.91
CA PHE B 29 4.33 -7.03 1.49
C PHE B 29 3.39 -6.15 0.70
N THR B 30 2.12 -6.09 1.10
CA THR B 30 1.09 -5.42 0.31
C THR B 30 0.97 -3.94 0.64
N GLY B 31 1.84 -3.41 1.50
CA GLY B 31 1.88 -1.99 1.75
C GLY B 31 2.85 -1.21 0.88
N TYR B 32 3.45 -1.84 -0.12
CA TYR B 32 4.48 -1.21 -0.92
C TYR B 32 4.38 -1.67 -2.37
N TYR B 33 4.42 -0.70 -3.29
CA TYR B 33 4.67 -0.99 -4.69
C TYR B 33 6.05 -1.60 -4.85
N MET B 34 6.18 -2.54 -5.80
CA MET B 34 7.46 -3.19 -6.06
C MET B 34 7.95 -2.78 -7.44
N HIS B 35 9.09 -2.08 -7.47
CA HIS B 35 9.70 -1.61 -8.71
C HIS B 35 10.93 -2.45 -9.03
N TRP B 36 11.25 -2.53 -10.32
CA TRP B 36 12.44 -3.24 -10.79
C TRP B 36 13.31 -2.25 -11.55
N VAL B 37 14.54 -2.06 -11.08
CA VAL B 37 15.49 -1.14 -11.70
C VAL B 37 16.78 -1.89 -12.00
N ARG B 38 17.24 -1.80 -13.24
CA ARG B 38 18.43 -2.51 -13.67
C ARG B 38 19.57 -1.54 -13.91
N GLN B 39 20.79 -2.02 -13.68
CA GLN B 39 22.01 -1.24 -13.87
C GLN B 39 22.95 -2.07 -14.74
N ALA B 40 23.18 -1.60 -15.95
CA ALA B 40 24.16 -2.24 -16.81
C ALA B 40 25.57 -1.80 -16.41
N PRO B 41 26.56 -2.66 -16.60
CA PRO B 41 27.94 -2.26 -16.29
C PRO B 41 28.39 -1.09 -17.15
N GLY B 42 28.79 0.00 -16.49
CA GLY B 42 29.21 1.19 -17.18
C GLY B 42 28.11 2.15 -17.56
N GLN B 43 26.86 1.84 -17.23
CA GLN B 43 25.73 2.71 -17.52
C GLN B 43 25.03 3.09 -16.22
N GLY B 44 24.03 3.95 -16.34
CA GLY B 44 23.25 4.36 -15.19
C GLY B 44 22.10 3.42 -14.91
N LEU B 45 21.37 3.74 -13.85
CA LEU B 45 20.20 2.94 -13.50
C LEU B 45 19.10 3.13 -14.54
N GLU B 46 18.43 2.04 -14.87
CA GLU B 46 17.32 2.06 -15.82
C GLU B 46 16.09 1.47 -15.15
N TRP B 47 14.97 2.17 -15.26
CA TRP B 47 13.72 1.74 -14.65
C TRP B 47 12.95 0.84 -15.61
N MET B 48 12.54 -0.33 -15.12
CA MET B 48 11.86 -1.32 -15.93
C MET B 48 10.35 -1.28 -15.76
N GLY B 49 9.86 -1.38 -14.52
CA GLY B 49 8.45 -1.38 -14.29
C GLY B 49 8.13 -1.50 -12.82
N ARG B 50 6.83 -1.49 -12.53
CA ARG B 50 6.33 -1.58 -11.17
C ARG B 50 5.09 -2.45 -11.13
N ILE B 51 4.88 -3.10 -9.98
CA ILE B 51 3.73 -3.95 -9.73
C ILE B 51 3.09 -3.54 -8.41
N ASN B 52 1.75 -3.47 -8.41
CA ASN B 52 0.98 -3.26 -7.20
C ASN B 52 0.59 -4.61 -6.62
N PRO B 53 1.04 -4.95 -5.41
CA PRO B 53 0.70 -6.27 -4.85
C PRO B 53 -0.79 -6.49 -4.68
N ASN B 54 -1.55 -5.42 -4.41
CA ASN B 54 -2.97 -5.56 -4.12
C ASN B 54 -3.75 -6.00 -5.35
N SER B 55 -3.50 -5.36 -6.49
CA SER B 55 -4.28 -5.60 -7.70
C SER B 55 -3.56 -6.47 -8.73
N GLY B 56 -2.23 -6.45 -8.74
CA GLY B 56 -1.49 -7.10 -9.78
C GLY B 56 -1.31 -6.27 -11.03
N GLY B 57 -1.93 -5.09 -11.09
CA GLY B 57 -1.71 -4.22 -12.22
C GLY B 57 -0.28 -3.74 -12.28
N THR B 58 0.28 -3.72 -13.48
CA THR B 58 1.68 -3.41 -13.68
C THR B 58 1.83 -2.26 -14.66
N ASN B 59 2.82 -1.41 -14.40
CA ASN B 59 3.18 -0.33 -15.30
C ASN B 59 4.62 -0.52 -15.76
N TYR B 60 4.82 -0.66 -17.06
CA TYR B 60 6.14 -0.86 -17.63
C TYR B 60 6.55 0.36 -18.43
N ALA B 61 7.87 0.47 -18.66
CA ALA B 61 8.37 1.46 -19.59
C ALA B 61 8.07 1.03 -21.03
N GLN B 62 8.08 2.00 -21.93
CA GLN B 62 7.77 1.70 -23.34
C GLN B 62 8.82 0.76 -23.94
N LYS B 63 10.07 0.88 -23.49
CA LYS B 63 11.15 0.09 -24.08
C LYS B 63 10.97 -1.40 -23.79
N PHE B 64 10.55 -1.74 -22.58
CA PHE B 64 10.45 -3.13 -22.15
C PHE B 64 9.06 -3.71 -22.34
N GLN B 65 8.12 -2.95 -22.90
CA GLN B 65 6.77 -3.46 -23.09
C GLN B 65 6.74 -4.57 -24.12
N GLY B 66 6.00 -5.63 -23.83
CA GLY B 66 5.92 -6.80 -24.67
C GLY B 66 6.94 -7.87 -24.35
N ARG B 67 7.85 -7.64 -23.41
CA ARG B 67 8.85 -8.63 -23.05
C ARG B 67 8.81 -8.95 -21.56
N VAL B 68 8.58 -7.93 -20.73
CA VAL B 68 8.66 -8.05 -19.28
C VAL B 68 7.27 -8.34 -18.73
N THR B 69 7.16 -9.40 -17.94
CA THR B 69 5.94 -9.75 -17.23
C THR B 69 6.23 -9.78 -15.74
N MET B 70 5.43 -9.07 -14.95
CA MET B 70 5.61 -9.00 -13.51
C MET B 70 4.40 -9.60 -12.81
N THR B 71 4.66 -10.50 -11.88
CA THR B 71 3.61 -11.21 -11.15
C THR B 71 3.90 -11.16 -9.67
N ARG B 72 2.85 -11.41 -8.88
CA ARG B 72 2.95 -11.37 -7.42
C ARG B 72 2.41 -12.66 -6.81
N ASP B 73 2.91 -13.06 -5.66
CA ASP B 73 2.40 -14.19 -4.89
C ASP B 73 2.34 -13.76 -3.44
N THR B 74 1.13 -13.49 -2.96
CA THR B 74 0.95 -12.99 -1.60
C THR B 74 1.10 -14.10 -0.56
N SER B 75 0.81 -15.34 -0.93
CA SER B 75 0.93 -16.44 0.03
C SER B 75 2.37 -16.62 0.49
N ILE B 76 3.34 -16.39 -0.39
CA ILE B 76 4.76 -16.43 -0.03
C ILE B 76 5.39 -15.04 -0.04
N SER B 77 4.65 -14.02 -0.45
CA SER B 77 5.12 -12.63 -0.46
C SER B 77 6.36 -12.49 -1.34
N THR B 78 6.18 -12.77 -2.63
CA THR B 78 7.27 -12.72 -3.58
C THR B 78 6.80 -12.12 -4.89
N ALA B 79 7.61 -11.21 -5.45
CA ALA B 79 7.34 -10.61 -6.75
C ALA B 79 8.33 -11.15 -7.77
N TYR B 80 7.81 -11.59 -8.91
CA TYR B 80 8.61 -12.19 -9.97
C TYR B 80 8.59 -11.29 -11.21
N MET B 81 9.77 -11.09 -11.79
CA MET B 81 9.92 -10.34 -13.03
C MET B 81 10.56 -11.24 -14.06
N GLU B 82 9.87 -11.47 -15.17
CA GLU B 82 10.34 -12.37 -16.23
C GLU B 82 10.57 -11.55 -17.49
N LEU B 83 11.78 -11.63 -18.03
CA LEU B 83 12.16 -10.91 -19.24
C LEU B 83 12.41 -11.92 -20.35
N SER B 84 11.74 -11.73 -21.47
CA SER B 84 11.82 -12.62 -22.62
C SER B 84 12.60 -11.97 -23.75
N ARG B 85 13.07 -12.81 -24.67
CA ARG B 85 13.91 -12.40 -25.80
C ARG B 85 15.13 -11.62 -25.31
N LEU B 86 15.96 -12.32 -24.53
CA LEU B 86 17.16 -11.71 -23.98
C LEU B 86 18.18 -11.44 -25.09
N ARG B 87 18.93 -10.36 -24.92
CA ARG B 87 19.98 -9.97 -25.85
C ARG B 87 21.31 -9.88 -25.08
N SER B 88 22.33 -9.36 -25.75
CA SER B 88 23.61 -9.13 -25.10
C SER B 88 23.62 -7.86 -24.26
N ASP B 89 22.64 -6.98 -24.44
CA ASP B 89 22.56 -5.74 -23.68
C ASP B 89 21.80 -5.87 -22.37
N ASP B 90 21.17 -7.01 -22.13
CA ASP B 90 20.45 -7.22 -20.88
C ASP B 90 21.35 -7.72 -19.75
N THR B 91 22.64 -7.93 -20.02
CA THR B 91 23.56 -8.35 -18.98
C THR B 91 23.72 -7.22 -17.98
N ALA B 92 23.12 -7.36 -16.79
CA ALA B 92 23.06 -6.24 -15.87
C ALA B 92 22.70 -6.77 -14.48
N VAL B 93 22.75 -5.87 -13.51
CA VAL B 93 22.35 -6.17 -12.14
C VAL B 93 20.95 -5.61 -11.92
N TYR B 94 20.01 -6.47 -11.56
CA TYR B 94 18.61 -6.10 -11.39
C TYR B 94 18.32 -5.99 -9.90
N TYR B 95 17.87 -4.82 -9.47
CA TYR B 95 17.48 -4.57 -8.09
C TYR B 95 15.97 -4.45 -8.01
N CYS B 96 15.41 -4.94 -6.92
CA CYS B 96 14.01 -4.74 -6.58
C CYS B 96 13.92 -3.69 -5.48
N ALA B 97 13.11 -2.67 -5.71
CA ALA B 97 12.95 -1.58 -4.76
C ALA B 97 11.51 -1.53 -4.28
N ARG B 98 11.31 -1.07 -3.05
CA ARG B 98 9.99 -0.92 -2.48
C ARG B 98 9.62 0.55 -2.41
N VAL B 99 8.33 0.83 -2.57
CA VAL B 99 7.80 2.20 -2.54
C VAL B 99 6.58 2.24 -1.65
N PRO B 100 6.48 3.17 -0.71
CA PRO B 100 5.28 3.24 0.14
C PRO B 100 4.02 3.37 -0.70
N TYR B 101 3.01 2.55 -0.38
CA TYR B 101 1.81 2.49 -1.18
C TYR B 101 1.09 3.83 -1.14
N CYS B 102 0.53 4.20 0.01
CA CYS B 102 -0.09 5.50 0.23
C CYS B 102 0.21 5.93 1.67
N SER B 103 1.00 6.98 1.82
CA SER B 103 1.32 7.54 3.13
C SER B 103 0.73 8.93 3.34
N SER B 104 -0.15 9.38 2.45
CA SER B 104 -0.77 10.69 2.60
C SER B 104 -2.12 10.73 1.90
N THR B 105 -2.70 11.93 1.80
CA THR B 105 -3.96 12.12 1.10
C THR B 105 -3.78 12.23 -0.41
N SER B 106 -2.53 12.27 -0.90
CA SER B 106 -2.26 12.33 -2.32
C SER B 106 -1.72 11.02 -2.87
N CYS B 107 -1.02 10.22 -2.06
CA CYS B 107 -0.48 8.92 -2.49
C CYS B 107 0.44 9.09 -3.70
N HIS B 108 1.07 10.25 -3.78
CA HIS B 108 1.93 10.59 -4.91
C HIS B 108 3.19 11.30 -4.42
N ARG B 109 3.25 11.55 -3.12
CA ARG B 109 4.35 12.31 -2.53
C ARG B 109 5.28 11.42 -1.71
N ASP B 110 4.93 10.15 -1.54
CA ASP B 110 5.70 9.22 -0.74
C ASP B 110 6.40 8.18 -1.60
N TRP B 111 6.40 8.38 -2.91
CA TRP B 111 6.81 7.34 -3.85
C TRP B 111 8.31 7.37 -4.10
N TYR B 112 9.10 7.21 -3.03
CA TYR B 112 10.54 7.11 -3.15
C TYR B 112 10.98 5.67 -2.90
N PHE B 113 12.20 5.36 -3.34
CA PHE B 113 12.78 4.02 -3.17
C PHE B 113 13.48 3.97 -1.82
N ASP B 114 12.73 3.65 -0.78
CA ASP B 114 13.28 3.65 0.56
C ASP B 114 14.02 2.38 0.92
N LEU B 115 13.97 1.35 0.07
CA LEU B 115 14.67 0.10 0.34
C LEU B 115 15.02 -0.56 -0.98
N TRP B 116 16.24 -1.08 -1.07
CA TRP B 116 16.74 -1.72 -2.27
C TRP B 116 17.26 -3.11 -1.93
N GLY B 117 17.09 -4.04 -2.87
CA GLY B 117 17.67 -5.36 -2.72
C GLY B 117 19.13 -5.40 -3.12
N ARG B 118 19.76 -6.53 -2.83
CA ARG B 118 21.17 -6.72 -3.13
C ARG B 118 21.44 -6.94 -4.61
N GLY B 119 20.40 -7.22 -5.40
CA GLY B 119 20.58 -7.33 -6.84
C GLY B 119 20.88 -8.73 -7.30
N THR B 120 20.46 -9.03 -8.53
CA THR B 120 20.74 -10.29 -9.19
C THR B 120 21.40 -10.01 -10.53
N LEU B 121 22.52 -10.67 -10.79
CA LEU B 121 23.27 -10.46 -12.02
C LEU B 121 22.77 -11.41 -13.10
N VAL B 122 22.39 -10.87 -14.24
CA VAL B 122 21.91 -11.65 -15.38
C VAL B 122 22.88 -11.45 -16.53
N THR B 123 23.36 -12.55 -17.09
CA THR B 123 24.32 -12.51 -18.19
C THR B 123 23.75 -13.20 -19.43
N LEU C 17 -33.42 -20.88 18.12
CA LEU C 17 -33.65 -21.77 16.99
C LEU C 17 -32.84 -21.36 15.76
N CYS C 18 -32.89 -20.07 15.43
CA CYS C 18 -32.17 -19.57 14.26
C CYS C 18 -30.67 -19.61 14.48
N PRO C 19 -29.92 -19.80 13.39
CA PRO C 19 -28.50 -20.15 13.52
C PRO C 19 -27.56 -18.99 13.78
N PHE C 20 -27.36 -18.62 15.05
CA PHE C 20 -26.25 -17.72 15.36
C PHE C 20 -24.97 -18.54 15.47
N GLY C 21 -24.73 -19.40 14.49
CA GLY C 21 -23.50 -20.15 14.38
C GLY C 21 -22.88 -19.92 13.01
N GLU C 22 -23.72 -19.53 12.05
CA GLU C 22 -23.27 -19.12 10.73
C GLU C 22 -22.81 -17.67 10.70
N VAL C 23 -22.97 -16.94 11.80
CA VAL C 23 -22.68 -15.52 11.82
C VAL C 23 -21.54 -15.16 12.76
N PHE C 24 -21.33 -15.92 13.85
CA PHE C 24 -20.39 -15.52 14.89
C PHE C 24 -19.14 -16.40 14.91
N ASN C 25 -19.31 -17.71 15.06
CA ASN C 25 -18.18 -18.63 15.08
C ASN C 25 -17.99 -19.33 13.73
N ALA C 26 -18.25 -18.61 12.64
CA ALA C 26 -18.08 -19.16 11.30
C ALA C 26 -16.61 -19.39 11.01
N THR C 27 -16.33 -19.96 9.84
CA THR C 27 -14.97 -20.33 9.47
C THR C 27 -14.17 -19.12 9.02
N ARG C 28 -14.60 -18.47 7.94
CA ARG C 28 -13.88 -17.34 7.37
C ARG C 28 -14.84 -16.18 7.18
N PHE C 29 -14.49 -15.02 7.72
CA PHE C 29 -15.30 -13.82 7.58
C PHE C 29 -14.95 -13.11 6.27
N ALA C 30 -15.81 -12.19 5.88
CA ALA C 30 -15.64 -11.42 4.67
C ALA C 30 -14.98 -10.08 4.97
N SER C 31 -14.43 -9.46 3.92
CA SER C 31 -13.78 -8.19 4.07
C SER C 31 -14.80 -7.09 4.31
N VAL C 32 -14.31 -5.93 4.77
CA VAL C 32 -15.22 -4.83 5.11
C VAL C 32 -15.87 -4.26 3.86
N TYR C 33 -15.12 -4.19 2.75
CA TYR C 33 -15.69 -3.62 1.52
C TYR C 33 -16.76 -4.52 0.91
N ALA C 34 -16.72 -5.81 1.19
CA ALA C 34 -17.78 -6.75 0.82
C ALA C 34 -18.25 -7.44 2.09
N TRP C 35 -19.13 -6.78 2.83
CA TRP C 35 -19.59 -7.28 4.13
C TRP C 35 -20.74 -8.26 3.95
N ASN C 36 -20.69 -9.37 4.68
CA ASN C 36 -21.65 -10.44 4.46
C ASN C 36 -22.95 -10.13 5.20
N ARG C 37 -24.06 -10.19 4.49
CA ARG C 37 -25.37 -9.88 5.05
C ARG C 37 -26.23 -11.14 5.10
N LYS C 38 -26.80 -11.41 6.26
CA LYS C 38 -27.67 -12.56 6.47
C LYS C 38 -28.99 -12.11 7.06
N ARG C 39 -30.09 -12.45 6.40
CA ARG C 39 -31.41 -12.12 6.91
C ARG C 39 -31.92 -13.27 7.78
N ILE C 40 -32.50 -12.91 8.92
CA ILE C 40 -33.03 -13.89 9.87
C ILE C 40 -34.46 -13.50 10.20
N SER C 41 -35.36 -14.48 10.14
CA SER C 41 -36.76 -14.30 10.48
C SER C 41 -37.27 -15.59 11.09
N ASN C 42 -38.39 -15.47 11.82
CA ASN C 42 -39.04 -16.61 12.47
C ASN C 42 -38.07 -17.32 13.42
N CYS C 43 -37.65 -16.56 14.43
CA CYS C 43 -36.67 -17.04 15.40
C CYS C 43 -37.09 -16.67 16.81
N VAL C 44 -36.61 -17.45 17.76
CA VAL C 44 -36.68 -17.13 19.18
C VAL C 44 -35.24 -17.12 19.69
N ALA C 45 -34.62 -15.94 19.65
CA ALA C 45 -33.19 -15.82 19.91
C ALA C 45 -32.93 -15.69 21.40
N ASP C 46 -32.07 -16.55 21.92
CA ASP C 46 -31.65 -16.48 23.32
C ASP C 46 -30.41 -15.60 23.40
N TYR C 47 -30.57 -14.40 23.94
CA TYR C 47 -29.49 -13.43 23.99
C TYR C 47 -28.71 -13.45 25.31
N SER C 48 -29.05 -14.37 26.22
CA SER C 48 -28.21 -14.56 27.39
C SER C 48 -26.85 -15.13 27.04
N VAL C 49 -26.73 -15.81 25.89
CA VAL C 49 -25.45 -16.32 25.43
C VAL C 49 -24.68 -15.30 24.60
N LEU C 50 -25.27 -14.14 24.32
CA LEU C 50 -24.60 -13.06 23.59
C LEU C 50 -24.28 -11.87 24.47
N TYR C 51 -25.29 -11.33 25.16
CA TYR C 51 -25.04 -10.18 26.03
C TYR C 51 -24.10 -10.54 27.17
N ASN C 52 -24.29 -11.73 27.76
CA ASN C 52 -23.45 -12.20 28.85
C ASN C 52 -22.48 -13.27 28.40
N SER C 53 -22.04 -13.21 27.14
CA SER C 53 -21.11 -14.20 26.61
C SER C 53 -19.75 -14.14 27.30
N ALA C 54 -19.37 -12.98 27.85
CA ALA C 54 -18.08 -12.80 28.52
C ALA C 54 -16.92 -13.11 27.58
N SER C 55 -17.12 -12.83 26.29
CA SER C 55 -16.05 -13.04 25.32
C SER C 55 -15.98 -11.94 24.27
N PHE C 56 -16.77 -10.88 24.37
CA PHE C 56 -16.87 -9.87 23.33
C PHE C 56 -16.25 -8.56 23.79
N SER C 57 -15.45 -7.94 22.91
CA SER C 57 -14.78 -6.69 23.27
C SER C 57 -15.76 -5.55 23.41
N THR C 58 -16.65 -5.38 22.43
CA THR C 58 -17.64 -4.31 22.47
C THR C 58 -19.01 -4.87 22.12
N PHE C 59 -20.02 -4.42 22.87
CA PHE C 59 -21.40 -4.88 22.70
C PHE C 59 -22.34 -3.68 22.72
N LYS C 60 -22.04 -2.67 21.91
CA LYS C 60 -22.82 -1.45 21.96
C LYS C 60 -24.20 -1.66 21.35
N CYS C 61 -25.20 -0.94 21.86
CA CYS C 61 -26.57 -1.09 21.38
C CYS C 61 -27.26 0.26 21.40
N TYR C 62 -27.75 0.70 20.25
CA TYR C 62 -28.40 1.99 20.10
C TYR C 62 -29.86 1.79 19.72
N GLY C 63 -30.73 2.63 20.27
CA GLY C 63 -32.13 2.59 19.93
C GLY C 63 -32.87 1.43 20.56
N VAL C 64 -32.13 0.43 21.03
CA VAL C 64 -32.68 -0.72 21.72
C VAL C 64 -31.90 -0.92 23.01
N SER C 65 -32.46 -1.72 23.90
CA SER C 65 -31.85 -1.96 25.19
C SER C 65 -31.36 -3.40 25.26
N PRO C 66 -30.10 -3.64 25.63
CA PRO C 66 -29.63 -5.03 25.76
C PRO C 66 -30.42 -5.84 26.76
N THR C 67 -30.91 -5.20 27.83
CA THR C 67 -31.77 -5.91 28.78
C THR C 67 -33.18 -6.12 28.22
N LYS C 68 -33.56 -5.35 27.19
CA LYS C 68 -34.88 -5.46 26.59
C LYS C 68 -34.82 -5.94 25.14
N LEU C 69 -33.71 -6.57 24.73
CA LEU C 69 -33.64 -7.13 23.38
C LEU C 69 -34.63 -8.26 23.19
N ASN C 70 -34.96 -8.98 24.26
CA ASN C 70 -35.92 -10.07 24.18
C ASN C 70 -37.36 -9.62 24.32
N ASP C 71 -37.60 -8.31 24.48
CA ASP C 71 -38.94 -7.81 24.69
C ASP C 71 -39.64 -7.47 23.37
N LEU C 72 -39.03 -6.58 22.58
CA LEU C 72 -39.66 -6.13 21.35
C LEU C 72 -39.47 -7.17 20.24
N CYS C 73 -40.55 -7.47 19.53
CA CYS C 73 -40.52 -8.38 18.39
C CYS C 73 -40.43 -7.58 17.10
N PHE C 74 -39.63 -8.09 16.17
CA PHE C 74 -39.38 -7.42 14.89
C PHE C 74 -39.75 -8.34 13.74
N THR C 75 -39.88 -7.76 12.55
CA THR C 75 -40.19 -8.57 11.38
C THR C 75 -38.95 -9.30 10.86
N ASN C 76 -37.85 -8.58 10.69
CA ASN C 76 -36.61 -9.19 10.20
C ASN C 76 -35.44 -8.66 11.00
N VAL C 77 -34.38 -9.45 11.09
CA VAL C 77 -33.12 -9.00 11.67
C VAL C 77 -32.01 -9.29 10.67
N TYR C 78 -31.26 -8.25 10.33
CA TYR C 78 -30.14 -8.35 9.40
C TYR C 78 -28.85 -8.41 10.20
N ALA C 79 -28.04 -9.43 9.96
CA ALA C 79 -26.72 -9.57 10.57
C ALA C 79 -25.67 -9.32 9.50
N ASP C 80 -24.89 -8.28 9.67
CA ASP C 80 -23.81 -7.93 8.75
C ASP C 80 -22.48 -8.18 9.43
N SER C 81 -21.67 -9.06 8.85
CA SER C 81 -20.41 -9.47 9.42
C SER C 81 -19.25 -9.00 8.55
N PHE C 82 -18.20 -8.52 9.19
CA PHE C 82 -16.96 -8.17 8.50
C PHE C 82 -15.82 -8.16 9.52
N VAL C 83 -14.62 -7.88 9.03
CA VAL C 83 -13.42 -7.81 9.86
C VAL C 83 -12.74 -6.47 9.59
N ILE C 84 -12.46 -5.72 10.65
CA ILE C 84 -11.83 -4.41 10.55
C ILE C 84 -10.71 -4.33 11.57
N ARG C 85 -9.83 -3.36 11.38
CA ARG C 85 -8.70 -3.16 12.29
C ARG C 85 -9.22 -2.67 13.64
N GLY C 86 -8.42 -2.93 14.68
CA GLY C 86 -8.91 -2.71 16.04
C GLY C 86 -9.28 -1.27 16.31
N ASP C 87 -8.43 -0.34 15.90
CA ASP C 87 -8.70 1.07 16.18
C ASP C 87 -9.89 1.61 15.40
N GLU C 88 -10.38 0.87 14.41
CA GLU C 88 -11.52 1.30 13.61
C GLU C 88 -12.85 0.74 14.11
N VAL C 89 -12.84 -0.01 15.22
CA VAL C 89 -14.08 -0.55 15.75
C VAL C 89 -15.01 0.57 16.19
N ARG C 90 -14.44 1.64 16.76
CA ARG C 90 -15.26 2.75 17.21
C ARG C 90 -15.98 3.44 16.05
N GLN C 91 -15.51 3.26 14.82
CA GLN C 91 -16.14 3.92 13.68
C GLN C 91 -17.45 3.26 13.28
N ILE C 92 -17.74 2.06 13.77
CA ILE C 92 -19.01 1.39 13.45
C ILE C 92 -20.00 1.84 14.51
N ALA C 93 -20.60 3.00 14.27
CA ALA C 93 -21.57 3.61 15.16
C ALA C 93 -22.29 4.70 14.38
N PRO C 94 -23.53 5.05 14.74
CA PRO C 94 -24.25 6.06 13.97
C PRO C 94 -23.55 7.41 13.98
N GLY C 95 -23.63 8.11 12.86
CA GLY C 95 -23.10 9.46 12.76
C GLY C 95 -21.60 9.55 12.96
N GLN C 96 -20.85 8.62 12.38
CA GLN C 96 -19.40 8.61 12.50
C GLN C 96 -18.76 8.97 11.18
N THR C 97 -17.50 9.37 11.24
CA THR C 97 -16.70 9.69 10.07
C THR C 97 -15.32 9.05 10.22
N GLY C 98 -14.70 8.76 9.09
CA GLY C 98 -13.40 8.12 9.09
C GLY C 98 -13.18 7.37 7.79
N LYS C 99 -12.01 6.75 7.70
CA LYS C 99 -11.63 6.07 6.46
C LYS C 99 -12.53 4.87 6.19
N ILE C 100 -13.14 4.31 7.23
CA ILE C 100 -13.95 3.10 7.10
C ILE C 100 -15.42 3.37 7.39
N ALA C 101 -15.76 4.55 7.90
CA ALA C 101 -17.13 4.87 8.25
C ALA C 101 -17.87 5.60 7.13
N ASP C 102 -17.20 5.95 6.04
CA ASP C 102 -17.86 6.60 4.92
C ASP C 102 -17.51 6.00 3.57
N TYR C 103 -16.51 5.13 3.48
CA TYR C 103 -16.14 4.51 2.21
C TYR C 103 -16.32 3.01 2.19
N ASN C 104 -16.48 2.36 3.34
CA ASN C 104 -16.61 0.91 3.40
C ASN C 104 -17.97 0.47 3.94
N TYR C 105 -18.35 0.93 5.13
CA TYR C 105 -19.58 0.48 5.77
C TYR C 105 -20.10 1.57 6.69
N LYS C 106 -21.28 2.10 6.40
CA LYS C 106 -21.88 3.18 7.16
C LYS C 106 -23.15 2.70 7.85
N LEU C 107 -23.45 3.35 8.98
CA LEU C 107 -24.67 3.11 9.72
C LEU C 107 -25.61 4.30 9.58
N PRO C 108 -26.91 4.07 9.51
CA PRO C 108 -27.85 5.18 9.31
C PRO C 108 -27.90 6.10 10.52
N ASP C 109 -28.33 7.34 10.26
CA ASP C 109 -28.44 8.32 11.33
C ASP C 109 -29.43 7.88 12.40
N ASP C 110 -30.57 7.34 11.97
CA ASP C 110 -31.57 6.79 12.89
C ASP C 110 -31.41 5.27 12.93
N PHE C 111 -30.47 4.82 13.75
CA PHE C 111 -30.12 3.41 13.82
C PHE C 111 -30.62 2.79 15.11
N THR C 112 -31.26 1.64 14.99
CA THR C 112 -31.77 0.88 16.14
C THR C 112 -31.24 -0.55 15.99
N GLY C 113 -30.10 -0.81 16.61
CA GLY C 113 -29.48 -2.12 16.49
C GLY C 113 -28.34 -2.27 17.47
N CYS C 114 -27.50 -3.25 17.21
CA CYS C 114 -26.36 -3.53 18.07
C CYS C 114 -25.12 -3.82 17.24
N VAL C 115 -23.98 -3.41 17.78
CA VAL C 115 -22.66 -3.65 17.20
C VAL C 115 -21.86 -4.49 18.18
N ILE C 116 -21.40 -5.65 17.73
CA ILE C 116 -20.71 -6.62 18.55
C ILE C 116 -19.36 -6.92 17.90
N ALA C 117 -18.28 -6.62 18.61
CA ALA C 117 -16.95 -6.80 18.08
C ALA C 117 -16.08 -7.56 19.07
N TRP C 118 -15.29 -8.49 18.55
CA TRP C 118 -14.35 -9.24 19.39
C TRP C 118 -13.05 -9.48 18.63
N ASN C 119 -11.97 -9.58 19.40
CA ASN C 119 -10.64 -9.75 18.83
C ASN C 119 -10.50 -11.11 18.17
N SER C 120 -9.84 -11.15 17.02
CA SER C 120 -9.61 -12.37 16.27
C SER C 120 -8.14 -12.57 15.95
N ASN C 121 -7.27 -12.15 16.86
CA ASN C 121 -5.82 -12.25 16.63
C ASN C 121 -5.35 -13.69 16.54
N ASN C 122 -6.09 -14.63 17.10
CA ASN C 122 -5.69 -16.03 17.06
C ASN C 122 -6.20 -16.78 15.84
N LEU C 123 -7.08 -16.17 15.04
CA LEU C 123 -7.60 -16.81 13.84
C LEU C 123 -7.18 -16.11 12.55
N ASP C 124 -7.44 -14.81 12.44
CA ASP C 124 -7.13 -14.07 11.22
C ASP C 124 -5.77 -13.37 11.35
N SER C 125 -4.73 -14.18 11.52
CA SER C 125 -3.36 -13.68 11.59
C SER C 125 -2.42 -14.79 11.17
N LYS C 126 -1.40 -14.41 10.40
CA LYS C 126 -0.41 -15.36 9.89
C LYS C 126 0.98 -14.77 10.09
N VAL C 127 1.98 -15.65 10.11
CA VAL C 127 3.35 -15.21 10.32
C VAL C 127 3.82 -14.32 9.17
N GLY C 128 3.45 -14.67 7.94
CA GLY C 128 3.82 -13.88 6.80
C GLY C 128 2.94 -12.69 6.52
N GLY C 129 1.85 -12.54 7.28
CA GLY C 129 0.93 -11.44 7.05
C GLY C 129 -0.25 -11.85 6.21
N ASN C 130 -1.42 -11.97 6.82
CA ASN C 130 -2.62 -12.34 6.08
C ASN C 130 -3.02 -11.21 5.14
N TYR C 131 -3.19 -11.53 3.86
CA TYR C 131 -3.47 -10.54 2.84
C TYR C 131 -4.82 -10.76 2.18
N ASN C 132 -5.68 -11.56 2.77
CA ASN C 132 -6.98 -11.87 2.20
C ASN C 132 -8.08 -10.95 2.68
N TYR C 133 -7.76 -9.95 3.50
CA TYR C 133 -8.72 -8.97 3.98
C TYR C 133 -8.39 -7.62 3.38
N LEU C 134 -9.42 -6.94 2.87
CA LEU C 134 -9.25 -5.72 2.10
C LEU C 134 -10.17 -4.63 2.64
N TYR C 135 -9.74 -3.39 2.49
CA TYR C 135 -10.57 -2.23 2.77
C TYR C 135 -10.37 -1.19 1.67
N ARG C 136 -11.43 -0.44 1.41
CA ARG C 136 -11.42 0.56 0.35
C ARG C 136 -11.11 1.93 0.94
N LEU C 137 -10.19 2.65 0.30
CA LEU C 137 -9.72 3.93 0.82
C LEU C 137 -9.89 5.07 -0.17
N PHE C 138 -10.72 4.89 -1.20
CA PHE C 138 -10.97 5.94 -2.17
C PHE C 138 -12.40 5.81 -2.70
N ARG C 139 -13.09 6.94 -2.83
CA ARG C 139 -14.42 6.93 -3.43
C ARG C 139 -14.77 8.36 -3.87
N LYS C 140 -15.48 8.45 -4.99
CA LYS C 140 -15.87 9.75 -5.52
C LYS C 140 -16.84 10.47 -4.60
N SER C 141 -17.67 9.72 -3.88
CA SER C 141 -18.59 10.31 -2.91
C SER C 141 -18.79 9.33 -1.77
N ASN C 142 -19.27 9.84 -0.65
CA ASN C 142 -19.49 9.01 0.52
C ASN C 142 -20.58 7.98 0.24
N LEU C 143 -20.75 7.06 1.18
CA LEU C 143 -21.70 5.98 1.04
C LEU C 143 -23.02 6.35 1.71
N LYS C 144 -24.12 6.11 1.00
CA LYS C 144 -25.44 6.18 1.62
C LYS C 144 -25.55 5.03 2.63
N PRO C 145 -26.44 5.17 3.63
CA PRO C 145 -26.53 4.14 4.66
C PRO C 145 -26.84 2.77 4.08
N PHE C 146 -26.11 1.76 4.57
CA PHE C 146 -26.30 0.37 4.18
C PHE C 146 -26.15 0.19 2.66
N GLU C 147 -24.95 0.51 2.18
CA GLU C 147 -24.60 0.37 0.78
C GLU C 147 -23.29 -0.37 0.64
N ARG C 148 -23.22 -1.31 -0.30
CA ARG C 148 -22.05 -2.15 -0.51
C ARG C 148 -21.47 -1.84 -1.89
N ASP C 149 -20.18 -1.51 -1.91
CA ASP C 149 -19.47 -1.21 -3.16
C ASP C 149 -18.43 -2.29 -3.39
N ILE C 150 -18.48 -2.91 -4.57
CA ILE C 150 -17.53 -3.94 -4.95
C ILE C 150 -16.68 -3.52 -6.15
N SER C 151 -17.05 -2.45 -6.84
CA SER C 151 -16.35 -2.05 -8.05
C SER C 151 -14.88 -1.77 -7.78
N THR C 152 -14.03 -2.30 -8.65
CA THR C 152 -12.59 -2.10 -8.58
C THR C 152 -12.10 -1.10 -9.63
N GLU C 153 -12.98 -0.25 -10.09
CA GLU C 153 -12.57 0.71 -11.11
C GLU C 153 -11.52 1.62 -10.48
N ILE C 154 -10.63 2.17 -11.30
CA ILE C 154 -9.54 3.00 -10.80
C ILE C 154 -10.07 4.37 -10.42
N TYR C 155 -9.75 4.80 -9.20
CA TYR C 155 -10.20 6.09 -8.69
C TYR C 155 -9.51 7.22 -9.45
N GLN C 156 -10.27 8.26 -9.77
CA GLN C 156 -9.79 9.41 -10.51
C GLN C 156 -9.46 10.53 -9.53
N ALA C 157 -8.23 11.03 -9.59
CA ALA C 157 -7.79 12.12 -8.73
C ALA C 157 -7.51 13.40 -9.51
N GLY C 158 -6.71 13.32 -10.57
CA GLY C 158 -6.40 14.47 -11.38
C GLY C 158 -7.45 14.75 -12.44
N SER C 159 -7.24 15.85 -13.16
CA SER C 159 -8.16 16.24 -14.21
C SER C 159 -7.98 15.43 -15.50
N THR C 160 -6.83 14.75 -15.66
CA THR C 160 -6.58 13.96 -16.84
C THR C 160 -7.16 12.57 -16.64
N PRO C 161 -8.15 12.14 -17.43
CA PRO C 161 -8.71 10.81 -17.25
C PRO C 161 -7.73 9.72 -17.62
N CYS C 162 -7.84 8.59 -16.93
CA CYS C 162 -7.02 7.42 -17.20
C CYS C 162 -7.94 6.22 -17.42
N ASN C 163 -7.75 5.55 -18.55
CA ASN C 163 -8.69 4.51 -19.00
C ASN C 163 -8.18 3.16 -18.51
N GLY C 164 -8.41 2.89 -17.23
CA GLY C 164 -8.04 1.61 -16.66
C GLY C 164 -6.55 1.38 -16.50
N VAL C 165 -5.75 2.45 -16.44
CA VAL C 165 -4.31 2.34 -16.25
C VAL C 165 -3.93 3.02 -14.95
N GLU C 166 -3.18 2.34 -14.11
CA GLU C 166 -2.73 2.90 -12.84
C GLU C 166 -1.54 3.81 -13.05
N GLY C 167 -1.40 4.78 -12.16
CA GLY C 167 -0.27 5.70 -12.23
C GLY C 167 -0.42 6.91 -11.34
N PHE C 168 0.25 7.98 -11.73
CA PHE C 168 0.17 9.21 -10.93
C PHE C 168 -1.27 9.69 -11.07
N ASN C 169 -1.92 10.05 -9.98
CA ASN C 169 -3.29 10.63 -10.04
C ASN C 169 -4.30 9.58 -10.54
N CYS C 170 -4.02 8.28 -10.34
CA CYS C 170 -4.92 7.19 -10.71
C CYS C 170 -4.52 5.96 -9.90
N TYR C 171 -5.36 5.55 -8.97
CA TYR C 171 -4.98 4.55 -7.99
C TYR C 171 -6.00 3.42 -7.93
N PHE C 172 -5.53 2.28 -7.44
CA PHE C 172 -6.40 1.16 -7.12
C PHE C 172 -7.10 1.41 -5.80
N PRO C 173 -8.43 1.30 -5.73
CA PRO C 173 -9.16 1.73 -4.54
C PRO C 173 -9.22 0.72 -3.42
N LEU C 174 -8.40 -0.32 -3.42
CA LEU C 174 -8.43 -1.32 -2.36
C LEU C 174 -7.02 -1.56 -1.82
N GLN C 175 -6.93 -1.75 -0.51
CA GLN C 175 -5.68 -2.07 0.15
C GLN C 175 -5.92 -3.24 1.09
N SER C 176 -4.84 -3.89 1.48
CA SER C 176 -4.96 -5.05 2.37
C SER C 176 -4.40 -4.73 3.75
N TYR C 177 -4.89 -5.43 4.74
CA TYR C 177 -4.46 -5.23 6.12
C TYR C 177 -3.19 -6.02 6.38
N GLY C 178 -2.23 -5.39 7.05
CA GLY C 178 -1.00 -6.07 7.40
C GLY C 178 -1.09 -6.76 8.75
N PHE C 179 -1.93 -7.78 8.84
CA PHE C 179 -2.14 -8.46 10.11
C PHE C 179 -0.97 -9.38 10.44
N GLN C 180 -0.38 -9.16 11.59
CA GLN C 180 0.69 -10.08 12.00
C GLN C 180 0.52 -10.34 13.49
N PRO C 181 1.00 -11.48 14.01
CA PRO C 181 0.85 -11.82 15.44
C PRO C 181 1.55 -10.85 16.37
N THR C 182 2.64 -10.23 15.92
CA THR C 182 3.40 -9.32 16.77
C THR C 182 2.81 -7.91 16.81
N ASN C 183 1.74 -7.66 16.08
CA ASN C 183 1.14 -6.33 16.03
C ASN C 183 0.56 -5.96 17.37
N GLY C 184 0.33 -4.65 17.56
CA GLY C 184 -0.27 -4.17 18.77
C GLY C 184 -1.75 -4.47 18.83
N VAL C 185 -2.33 -4.23 20.02
CA VAL C 185 -3.75 -4.50 20.23
C VAL C 185 -4.60 -3.66 19.30
N GLY C 186 -4.22 -2.40 19.10
CA GLY C 186 -4.99 -1.52 18.24
C GLY C 186 -4.96 -1.88 16.77
N TYR C 187 -3.90 -2.56 16.32
CA TYR C 187 -3.77 -2.96 14.93
C TYR C 187 -4.15 -4.41 14.69
N GLN C 188 -4.58 -5.13 15.73
CA GLN C 188 -4.98 -6.51 15.58
C GLN C 188 -6.35 -6.60 14.91
N PRO C 189 -6.62 -7.69 14.19
CA PRO C 189 -7.92 -7.84 13.53
C PRO C 189 -9.04 -7.98 14.55
N TYR C 190 -10.19 -7.40 14.22
CA TYR C 190 -11.38 -7.50 15.05
C TYR C 190 -12.57 -7.86 14.18
N ARG C 191 -13.31 -8.89 14.59
CA ARG C 191 -14.51 -9.30 13.91
C ARG C 191 -15.69 -8.51 14.44
N VAL C 192 -16.46 -7.90 13.53
CA VAL C 192 -17.57 -7.02 13.89
C VAL C 192 -18.84 -7.54 13.20
N VAL C 193 -19.90 -7.66 13.99
CA VAL C 193 -21.22 -8.08 13.53
C VAL C 193 -22.22 -7.00 13.94
N VAL C 194 -23.02 -6.56 12.98
CA VAL C 194 -24.02 -5.53 13.22
C VAL C 194 -25.39 -6.16 13.03
N LEU C 195 -26.21 -6.09 14.08
CA LEU C 195 -27.58 -6.59 14.06
C LEU C 195 -28.53 -5.42 13.95
N SER C 196 -29.28 -5.36 12.85
CA SER C 196 -30.24 -4.30 12.60
C SER C 196 -31.64 -4.90 12.54
N PHE C 197 -32.62 -4.12 13.00
CA PHE C 197 -33.98 -4.60 13.19
C PHE C 197 -34.93 -3.89 12.22
N GLU C 198 -35.78 -4.67 11.55
CA GLU C 198 -36.76 -4.14 10.62
C GLU C 198 -38.15 -4.56 11.08
N LEU C 199 -39.04 -3.57 11.22
CA LEU C 199 -40.42 -3.79 11.69
C LEU C 199 -41.35 -3.00 10.76
N LEU C 200 -41.93 -3.70 9.80
CA LEU C 200 -42.82 -3.10 8.81
C LEU C 200 -44.20 -3.74 8.93
N HIS C 201 -45.07 -3.42 7.96
CA HIS C 201 -46.47 -3.82 8.05
C HIS C 201 -46.64 -5.32 8.23
N ALA C 202 -45.72 -6.11 7.67
CA ALA C 202 -45.79 -7.55 7.84
C ALA C 202 -45.69 -7.91 9.32
N PRO C 203 -46.37 -8.96 9.77
CA PRO C 203 -46.37 -9.28 11.20
C PRO C 203 -44.97 -9.56 11.72
N ALA C 204 -44.73 -9.12 12.96
CA ALA C 204 -43.44 -9.35 13.61
C ALA C 204 -43.18 -10.84 13.76
N THR C 205 -41.95 -11.26 13.48
CA THR C 205 -41.63 -12.68 13.41
C THR C 205 -40.54 -13.13 14.38
N VAL C 206 -39.58 -12.28 14.73
CA VAL C 206 -38.42 -12.68 15.51
C VAL C 206 -38.42 -11.97 16.85
N CYS C 207 -38.32 -12.76 17.93
CA CYS C 207 -38.06 -12.29 19.29
C CYS C 207 -37.88 -13.49 20.22
N GLY C 208 -37.13 -13.30 21.31
CA GLY C 208 -36.68 -14.39 22.14
C GLY C 208 -37.74 -14.94 23.07
N PRO C 209 -37.30 -15.52 24.20
CA PRO C 209 -38.24 -16.13 25.15
C PRO C 209 -39.23 -15.10 25.69
N LYS C 210 -40.45 -15.55 25.90
CA LYS C 210 -41.50 -14.69 26.43
C LYS C 210 -41.52 -14.74 27.94
#